data_5D23
#
_entry.id   5D23
#
_cell.length_a   123.180
_cell.length_b   123.180
_cell.length_c   73.574
_cell.angle_alpha   90.00
_cell.angle_beta   90.00
_cell.angle_gamma   120.00
#
_symmetry.space_group_name_H-M   'H 3 2'
#
loop_
_entity.id
_entity.type
_entity.pdbx_description
1 polymer 'Fibroin-modulator-binding protein-1'
2 polymer 'DNA (26-MER)'
3 water water
#
loop_
_entity_poly.entity_id
_entity_poly.type
_entity_poly.pdbx_seq_one_letter_code
_entity_poly.pdbx_strand_id
1 'polypeptide(L)'
;(MSE)HHHHHHETSEERAARLAK(MSE)SAYAAQRLANESPEQRATRLKR(MSE)SEYAAKRLSSETREQRAIRLAR
(MSE)SAYAARRLANETPAQRQARLLR(MSE)SAYAAKRQASKKS
;
A
2 'polydeoxyribonucleotide'
;(DG)(DA)(DA)(DT)(DC)(DT)(DA)(DT)(DG)(DT)(DA)(DA)(DA)(DT)(DT)(DT)(DA)(DC)(DA)(DT)
(DA)(DG)(DA)(DT)(DT)(DC)
;
B
#
loop_
_chem_comp.id
_chem_comp.type
_chem_comp.name
_chem_comp.formula
DA DNA linking 2'-DEOXYADENOSINE-5'-MONOPHOSPHATE 'C10 H14 N5 O6 P'
DC DNA linking 2'-DEOXYCYTIDINE-5'-MONOPHOSPHATE 'C9 H14 N3 O7 P'
DG DNA linking 2'-DEOXYGUANOSINE-5'-MONOPHOSPHATE 'C10 H14 N5 O7 P'
DT DNA linking THYMIDINE-5'-MONOPHOSPHATE 'C10 H15 N2 O8 P'
#
# COMPACT_ATOMS: atom_id res chain seq x y z
N ARG A 36 -10.26 -19.96 -7.18
CA ARG A 36 -9.55 -18.81 -6.56
C ARG A 36 -8.31 -18.42 -7.36
N ALA A 37 -7.38 -19.36 -7.52
CA ALA A 37 -6.15 -19.11 -8.26
C ALA A 37 -6.44 -18.56 -9.66
N THR A 38 -7.41 -19.16 -10.33
CA THR A 38 -7.86 -18.70 -11.65
C THR A 38 -8.43 -17.27 -11.60
N ARG A 39 -9.16 -16.96 -10.54
CA ARG A 39 -9.72 -15.62 -10.31
C ARG A 39 -8.60 -14.62 -9.96
N LEU A 40 -7.75 -14.99 -8.99
CA LEU A 40 -6.66 -14.13 -8.50
C LEU A 40 -5.62 -13.82 -9.58
N LYS A 41 -5.22 -14.85 -10.33
CA LYS A 41 -4.33 -14.66 -11.48
C LYS A 41 -4.93 -13.66 -12.48
N ARG A 42 -6.19 -13.88 -12.85
CA ARG A 42 -6.90 -13.00 -13.80
C ARG A 42 -7.10 -11.58 -13.24
N MSE A 43 -7.32 -11.49 -11.93
CA MSE A 43 -7.48 -10.19 -11.25
C MSE A 43 -6.19 -9.42 -11.35
O MSE A 43 -6.19 -8.26 -11.78
CB MSE A 43 -7.92 -10.45 -9.80
CG MSE A 43 -8.22 -9.17 -9.01
SE MSE A 43 -9.72 -8.14 -9.79
CE MSE A 43 -8.73 -6.49 -10.21
N SER A 44 -5.06 -10.06 -11.01
CA SER A 44 -3.74 -9.44 -11.14
C SER A 44 -3.43 -8.99 -12.58
N GLU A 45 -3.79 -9.81 -13.56
CA GLU A 45 -3.57 -9.48 -14.97
C GLU A 45 -4.34 -8.22 -15.37
N TYR A 46 -5.62 -8.16 -14.99
CA TYR A 46 -6.46 -6.99 -15.24
C TYR A 46 -5.88 -5.75 -14.58
N ALA A 47 -5.49 -5.87 -13.30
CA ALA A 47 -4.95 -4.73 -12.56
C ALA A 47 -3.66 -4.22 -13.22
N ALA A 48 -2.70 -5.13 -13.43
CA ALA A 48 -1.43 -4.80 -14.08
C ALA A 48 -1.64 -4.13 -15.45
N LYS A 49 -2.57 -4.68 -16.24
CA LYS A 49 -2.90 -4.12 -17.55
C LYS A 49 -3.45 -2.68 -17.46
N ARG A 50 -4.31 -2.43 -16.47
CA ARG A 50 -4.84 -1.09 -16.24
C ARG A 50 -3.68 -0.17 -15.83
N LEU A 51 -2.82 -0.66 -14.94
CA LEU A 51 -1.76 0.17 -14.38
C LEU A 51 -0.75 0.60 -15.44
N SER A 52 -0.34 -0.34 -16.28
CA SER A 52 0.65 -0.07 -17.32
C SER A 52 0.13 0.90 -18.39
N SER A 53 -1.18 1.05 -18.52
CA SER A 53 -1.76 1.97 -19.52
C SER A 53 -2.26 3.29 -18.94
N GLU A 54 -2.17 3.46 -17.62
CA GLU A 54 -2.61 4.69 -16.99
C GLU A 54 -2.01 5.92 -17.63
N THR A 55 -2.82 6.96 -17.80
CA THR A 55 -2.26 8.26 -18.14
C THR A 55 -1.51 8.77 -16.91
N ARG A 56 -0.75 9.84 -17.08
CA ARG A 56 -0.07 10.49 -15.97
C ARG A 56 -1.06 10.97 -14.99
N GLU A 57 -2.16 11.51 -15.50
CA GLU A 57 -3.16 12.06 -14.64
C GLU A 57 -3.85 10.95 -13.84
N GLN A 58 -4.14 9.82 -14.48
CA GLN A 58 -4.80 8.71 -13.79
C GLN A 58 -3.91 8.15 -12.68
N ARG A 59 -2.62 8.01 -12.96
CA ARG A 59 -1.68 7.57 -11.94
C ARG A 59 -1.60 8.58 -10.80
N ALA A 60 -1.55 9.86 -11.13
CA ALA A 60 -1.45 10.90 -10.12
C ALA A 60 -2.67 10.88 -9.20
N ILE A 61 -3.85 10.69 -9.79
CA ILE A 61 -5.08 10.64 -9.03
C ILE A 61 -5.03 9.44 -8.09
N ARG A 62 -4.70 8.27 -8.61
CA ARG A 62 -4.65 7.02 -7.83
C ARG A 62 -3.69 7.13 -6.65
N LEU A 63 -2.52 7.66 -6.91
CA LEU A 63 -1.54 7.88 -5.82
C LEU A 63 -2.02 8.90 -4.80
N ALA A 64 -2.64 9.97 -5.27
CA ALA A 64 -3.17 10.98 -4.36
C ALA A 64 -4.27 10.40 -3.47
N ARG A 65 -5.14 9.58 -4.06
CA ARG A 65 -6.16 8.92 -3.26
C ARG A 65 -5.59 7.96 -2.24
N MSE A 66 -4.58 7.19 -2.64
CA MSE A 66 -3.88 6.31 -1.69
C MSE A 66 -3.20 7.09 -0.58
O MSE A 66 -3.26 6.67 0.58
CB MSE A 66 -2.81 5.44 -2.34
CG MSE A 66 -3.39 4.41 -3.29
SE MSE A 66 -2.08 3.00 -3.76
CE MSE A 66 -0.79 4.04 -4.78
N SER A 67 -2.53 8.19 -0.88
CA SER A 67 -1.86 8.95 0.18
C SER A 67 -2.90 9.58 1.14
N ALA A 68 -4.05 10.01 0.61
CA ALA A 68 -5.15 10.50 1.45
C ALA A 68 -5.68 9.38 2.35
N TYR A 69 -5.92 8.20 1.75
CA TYR A 69 -6.34 7.04 2.53
C TYR A 69 -5.32 6.70 3.64
N ALA A 70 -4.02 6.63 3.31
CA ALA A 70 -3.01 6.35 4.35
C ALA A 70 -3.01 7.43 5.45
N ALA A 71 -3.15 8.69 5.04
CA ALA A 71 -3.05 9.80 5.98
C ALA A 71 -4.19 9.77 6.97
N ARG A 72 -5.38 9.44 6.50
CA ARG A 72 -6.52 9.34 7.41
C ARG A 72 -6.39 8.12 8.34
N ARG A 73 -5.93 7.00 7.78
CA ARG A 73 -5.63 5.83 8.61
C ARG A 73 -4.64 6.20 9.72
N LEU A 74 -3.60 6.95 9.37
CA LEU A 74 -2.61 7.40 10.36
C LEU A 74 -3.24 8.33 11.38
N ALA A 75 -4.04 9.30 10.91
CA ALA A 75 -4.72 10.26 11.78
C ALA A 75 -5.65 9.57 12.79
N ASN A 76 -6.31 8.51 12.33
CA ASN A 76 -7.35 7.85 13.11
C ASN A 76 -6.91 6.57 13.84
N GLU A 77 -5.61 6.25 13.80
CA GLU A 77 -5.04 5.15 14.55
C GLU A 77 -5.35 5.19 16.03
N THR A 78 -5.60 4.02 16.62
CA THR A 78 -5.72 3.88 18.07
C THR A 78 -4.33 3.70 18.67
N PRO A 79 -4.20 3.83 20.01
CA PRO A 79 -2.90 3.59 20.66
C PRO A 79 -2.33 2.19 20.39
N ALA A 80 -3.22 1.18 20.38
CA ALA A 80 -2.80 -0.20 20.07
C ALA A 80 -2.30 -0.34 18.63
N GLN A 81 -3.03 0.25 17.69
CA GLN A 81 -2.62 0.20 16.29
C GLN A 81 -1.29 0.90 16.08
N ARG A 82 -1.12 2.06 16.71
CA ARG A 82 0.13 2.81 16.60
C ARG A 82 1.29 1.96 17.08
N GLN A 83 1.10 1.30 18.22
CA GLN A 83 2.21 0.52 18.81
C GLN A 83 2.60 -0.66 17.92
N ALA A 84 1.60 -1.40 17.43
CA ALA A 84 1.84 -2.48 16.48
C ALA A 84 2.56 -1.96 15.22
N ARG A 85 2.15 -0.80 14.71
CA ARG A 85 2.80 -0.24 13.52
C ARG A 85 4.27 0.11 13.77
N LEU A 86 4.56 0.74 14.90
CA LEU A 86 5.92 1.15 15.17
C LEU A 86 6.82 -0.08 15.32
N LEU A 87 6.25 -1.13 15.90
CA LEU A 87 6.99 -2.40 16.09
C LEU A 87 7.30 -3.08 14.78
N ARG A 88 6.32 -3.11 13.87
CA ARG A 88 6.54 -3.60 12.50
C ARG A 88 7.58 -2.77 11.75
N MSE A 89 7.51 -1.45 11.88
CA MSE A 89 8.49 -0.58 11.21
C MSE A 89 9.88 -0.78 11.77
O MSE A 89 10.84 -0.84 10.99
CB MSE A 89 8.10 0.88 11.27
CG MSE A 89 6.92 1.17 10.33
SE MSE A 89 6.51 3.08 10.12
CE MSE A 89 7.97 3.79 11.17
N SER A 90 10.02 -0.92 13.08
CA SER A 90 11.36 -1.21 13.67
C SER A 90 11.89 -2.57 13.23
N ALA A 91 11.01 -3.58 13.13
CA ALA A 91 11.40 -4.88 12.59
C ALA A 91 11.91 -4.81 11.15
N TYR A 92 11.24 -4.02 10.33
CA TYR A 92 11.64 -3.86 8.93
C TYR A 92 12.98 -3.13 8.81
N ALA A 93 13.15 -2.09 9.61
CA ALA A 93 14.40 -1.32 9.63
C ALA A 93 15.56 -2.22 10.05
N ALA A 94 15.36 -3.02 11.09
CA ALA A 94 16.38 -3.96 11.55
C ALA A 94 16.69 -4.96 10.45
N LYS A 95 15.64 -5.46 9.80
CA LYS A 95 15.83 -6.40 8.68
C LYS A 95 16.65 -5.76 7.55
N ARG A 96 16.33 -4.54 7.18
CA ARG A 96 17.06 -3.84 6.13
C ARG A 96 18.50 -3.65 6.56
N GLN A 97 18.71 -3.34 7.82
CA GLN A 97 20.05 -3.12 8.36
C GLN A 97 20.95 -4.35 8.25
N ALA A 98 20.36 -5.52 8.41
CA ALA A 98 21.09 -6.77 8.44
C ALA A 98 21.53 -7.27 7.07
N SER A 99 20.87 -6.83 5.99
CA SER A 99 21.11 -7.39 4.64
C SER A 99 21.99 -6.55 3.71
#